data_2Y5T
#
_entry.id   2Y5T
#
_cell.length_a   81.050
_cell.length_b   81.050
_cell.length_c   168.450
_cell.angle_alpha   90.00
_cell.angle_beta   90.00
_cell.angle_gamma   120.00
#
_symmetry.space_group_name_H-M   'P 31 2 1'
#
loop_
_entity.id
_entity.type
_entity.pdbx_description
1 polymer 'CIIC1 FAB FRAGMENT HEAVY CHAIN'
2 polymer 'CIIC1 FAB FRAGMENT LIGHT CHAIN'
3 polymer C1
4 polymer C1
5 non-polymer 'CHLORIDE ION'
6 non-polymer GLYCEROL
7 water water
#
loop_
_entity_poly.entity_id
_entity_poly.type
_entity_poly.pdbx_seq_one_letter_code
_entity_poly.pdbx_strand_id
1 'polypeptide(L)'
;QVQLQQPGADLVRPGVSVKLSCKASGYTFTSYWMNWVKQRPGQGLEWIGMIHPSDSETRLSQKFKDKATLTVDKSSSTAY
MQLSSPTSEDSAVYYCARLKPGGTWFAYWGQGTLVTVSAAKTTAPSVYPLAPVCGDTTGSSVTLGCLVKGYFPEPVTLTW
NSGSLSSGVHTFPAVLQSDLYTLSSSVTVTSSTWPSQSITCNVAHPASSTKVDKKIEPRGPTIKPCPPCKCP
;
A
2 'polypeptide(L)'
;DIVLTQSPASLTVSLGQRATISCRASKSVDSYGNSFMEWYQQKPGQPPKLLIYRASNLESGIPARFSGSGSRTDFTLTIN
PVEADDVATYYCQQSNEDPYTFGGGTKLEIKRADAAPTVSIFPPSSEQLTSGGASVVCFLNNFYPKDINVKWKIDGSERQ
NGVLNSWTDQDSKDSTYSMSSTLTLTKDEYERHNSYTCEATHKTSTSPIVKSFNRNEC
;
B
3 'polypeptide(L)' GP(HYP)GP(HYP)GP(HYP)GP(HYP)GP(HYP)GARGLTGR(HYP)GDAGP(HYP)GP(HYP)G E,G
4 'polypeptide(L)' GP(HYP)GP(HYP)GP(HYP)GP(HYP)GP(HYP)GARGLTGR(HYP)GDAGP(HYP)GP(HYP)GKKYG F
#
loop_
_chem_comp.id
_chem_comp.type
_chem_comp.name
_chem_comp.formula
CL non-polymer 'CHLORIDE ION' 'Cl -1'
GOL non-polymer GLYCEROL 'C3 H8 O3'
#
# COMPACT_ATOMS: atom_id res chain seq x y z
N GLN A 1 -20.02 -1.92 -10.64
CA GLN A 1 -18.79 -2.12 -9.81
C GLN A 1 -18.52 -0.92 -8.90
N VAL A 2 -18.45 -1.19 -7.61
CA VAL A 2 -18.22 -0.16 -6.59
C VAL A 2 -16.82 0.42 -6.76
N GLN A 3 -16.72 1.74 -6.69
CA GLN A 3 -15.48 2.45 -6.92
C GLN A 3 -15.33 3.63 -5.96
N LEU A 4 -14.16 3.72 -5.32
CA LEU A 4 -13.83 4.82 -4.43
C LEU A 4 -12.54 5.50 -4.89
N GLN A 5 -12.67 6.66 -5.53
CA GLN A 5 -11.53 7.28 -6.20
C GLN A 5 -10.93 8.40 -5.36
N GLN A 6 -9.64 8.27 -5.04
CA GLN A 6 -8.92 9.22 -4.23
C GLN A 6 -7.67 9.63 -4.98
N PRO A 7 -7.30 10.92 -4.94
CA PRO A 7 -6.02 11.37 -5.53
C PRO A 7 -4.86 10.65 -4.85
N GLY A 8 -3.77 10.45 -5.58
CA GLY A 8 -2.60 9.75 -5.02
C GLY A 8 -1.92 10.53 -3.90
N ALA A 9 -1.90 11.86 -4.00
CA ALA A 9 -1.09 12.70 -3.12
C ALA A 9 -1.75 14.01 -2.68
N ASP A 10 -1.34 14.52 -1.52
CA ASP A 10 -1.66 15.88 -1.12
C ASP A 10 -0.52 16.41 -0.25
N LEU A 11 0.02 17.55 -0.66
CA LEU A 11 1.15 18.18 0.03
C LEU A 11 0.71 19.51 0.63
N VAL A 12 0.92 19.70 1.93
CA VAL A 12 0.70 21.00 2.56
C VAL A 12 1.88 21.40 3.43
N ARG A 13 2.09 22.71 3.55
CA ARG A 13 2.99 23.29 4.55
C ARG A 13 2.44 22.94 5.93
N PRO A 14 3.33 22.80 6.93
CA PRO A 14 2.83 22.70 8.30
C PRO A 14 1.87 23.85 8.63
N GLY A 15 0.70 23.53 9.18
CA GLY A 15 -0.29 24.53 9.55
C GLY A 15 -1.39 24.84 8.56
N VAL A 16 -1.21 24.45 7.30
CA VAL A 16 -2.22 24.71 6.27
C VAL A 16 -3.16 23.53 6.19
N SER A 17 -4.48 23.79 6.27
CA SER A 17 -5.48 22.73 6.24
C SER A 17 -5.43 21.90 4.98
N VAL A 18 -5.54 20.58 5.12
CA VAL A 18 -5.69 19.71 3.97
C VAL A 18 -7.12 19.19 3.88
N LYS A 19 -7.64 19.12 2.66
CA LYS A 19 -8.97 18.60 2.40
C LYS A 19 -8.90 17.46 1.38
N LEU A 20 -9.20 16.25 1.85
CA LEU A 20 -9.10 15.06 1.02
C LEU A 20 -10.44 14.72 0.40
N SER A 21 -10.39 14.22 -0.83
CA SER A 21 -11.62 13.81 -1.50
C SER A 21 -11.63 12.31 -1.84
N CYS A 22 -12.85 11.78 -1.94
CA CYS A 22 -13.13 10.39 -2.20
C CYS A 22 -14.39 10.38 -3.03
N LYS A 23 -14.22 10.22 -4.34
CA LYS A 23 -15.33 10.22 -5.27
C LYS A 23 -15.86 8.80 -5.45
N ALA A 24 -17.15 8.63 -5.21
CA ALA A 24 -17.81 7.32 -5.22
C ALA A 24 -18.59 7.08 -6.48
N SER A 25 -18.57 5.84 -6.97
CA SER A 25 -19.41 5.45 -8.10
C SER A 25 -19.75 3.96 -8.04
N GLY A 26 -20.70 3.54 -8.87
CA GLY A 26 -21.10 2.13 -8.91
C GLY A 26 -22.20 1.75 -7.92
N TYR A 27 -22.62 2.69 -7.07
CA TYR A 27 -23.66 2.43 -6.06
C TYR A 27 -24.36 3.74 -5.64
N THR A 28 -25.39 3.63 -4.79
CA THR A 28 -26.09 4.81 -4.27
C THR A 28 -25.32 5.45 -3.10
N PHE A 29 -24.60 6.52 -3.42
CA PHE A 29 -23.72 7.22 -2.47
C PHE A 29 -24.44 7.62 -1.17
N THR A 30 -25.64 8.17 -1.31
CA THR A 30 -26.38 8.68 -0.15
C THR A 30 -26.97 7.60 0.75
N SER A 31 -26.77 6.33 0.41
CA SER A 31 -27.34 5.24 1.20
C SER A 31 -26.40 4.59 2.23
N TYR A 32 -25.12 4.92 2.18
CA TYR A 32 -24.13 4.17 2.98
C TYR A 32 -23.13 5.05 3.65
N TRP A 33 -22.66 4.64 4.83
CA TRP A 33 -21.59 5.36 5.53
C TRP A 33 -20.31 5.40 4.69
N MET A 34 -19.56 6.49 4.82
CA MET A 34 -18.18 6.52 4.33
C MET A 34 -17.23 6.60 5.53
N ASN A 35 -16.31 5.65 5.61
CA ASN A 35 -15.36 5.60 6.70
C ASN A 35 -14.00 6.10 6.24
N TRP A 36 -13.22 6.63 7.18
CA TRP A 36 -11.89 7.10 6.88
C TRP A 36 -10.90 6.43 7.83
N VAL A 37 -9.75 6.05 7.27
CA VAL A 37 -8.74 5.28 8.00
C VAL A 37 -7.37 5.92 7.76
N LYS A 38 -6.55 5.99 8.81
CA LYS A 38 -5.20 6.57 8.70
C LYS A 38 -4.13 5.46 8.82
N GLN A 39 -3.11 5.52 7.96
CA GLN A 39 -1.96 4.61 8.07
C GLN A 39 -0.65 5.32 7.75
N ARG A 40 0.22 5.48 8.74
CA ARG A 40 1.58 5.94 8.47
C ARG A 40 2.36 4.81 7.81
N PRO A 41 3.07 5.11 6.69
CA PRO A 41 3.83 4.05 6.02
C PRO A 41 4.76 3.33 6.99
N GLY A 42 4.79 2.00 6.90
CA GLY A 42 5.53 1.16 7.85
C GLY A 42 4.75 0.77 9.10
N GLN A 43 3.62 1.42 9.36
CA GLN A 43 2.84 1.17 10.58
C GLN A 43 1.42 0.64 10.34
N GLY A 44 0.71 0.40 11.45
CA GLY A 44 -0.66 -0.11 11.42
C GLY A 44 -1.72 0.94 11.07
N LEU A 45 -2.97 0.61 11.39
CA LEU A 45 -4.13 1.35 10.88
C LEU A 45 -4.98 1.88 12.02
N GLU A 46 -5.55 3.07 11.80
CA GLU A 46 -6.44 3.71 12.75
C GLU A 46 -7.69 4.19 12.05
N TRP A 47 -8.85 3.82 12.60
CA TRP A 47 -10.12 4.34 12.09
C TRP A 47 -10.33 5.75 12.60
N ILE A 48 -10.67 6.66 11.70
CA ILE A 48 -10.80 8.08 12.04
C ILE A 48 -12.23 8.44 12.41
N GLY A 49 -13.16 8.01 11.57
CA GLY A 49 -14.53 8.41 11.70
C GLY A 49 -15.34 7.97 10.51
N MET A 50 -16.63 8.28 10.54
CA MET A 50 -17.53 7.99 9.45
C MET A 50 -18.63 9.04 9.33
N ILE A 51 -19.24 9.09 8.16
CA ILE A 51 -20.32 10.02 7.89
C ILE A 51 -21.36 9.37 6.99
N HIS A 52 -22.64 9.60 7.27
CA HIS A 52 -23.67 9.10 6.40
C HIS A 52 -24.19 10.26 5.57
N PRO A 53 -23.99 10.19 4.24
CA PRO A 53 -24.23 11.32 3.32
C PRO A 53 -25.69 11.78 3.20
N SER A 54 -26.64 10.93 3.56
CA SER A 54 -28.05 11.31 3.44
C SER A 54 -28.39 12.46 4.38
N ASP A 55 -27.96 12.35 5.64
CA ASP A 55 -28.27 13.34 6.68
C ASP A 55 -27.03 13.96 7.32
N SER A 56 -25.85 13.56 6.80
CA SER A 56 -24.56 13.97 7.35
C SER A 56 -24.38 13.66 8.83
N GLU A 57 -25.07 12.61 9.28
CA GLU A 57 -24.81 12.04 10.59
C GLU A 57 -23.36 11.57 10.67
N THR A 58 -22.72 11.82 11.81
CA THR A 58 -21.28 11.66 11.93
C THR A 58 -20.83 11.00 13.23
N ARG A 59 -19.87 10.08 13.14
CA ARG A 59 -19.18 9.58 14.31
C ARG A 59 -17.67 9.71 14.11
N LEU A 60 -17.01 10.30 15.08
CA LEU A 60 -15.58 10.45 15.02
C LEU A 60 -14.95 9.76 16.21
N SER A 61 -13.81 9.14 15.97
CA SER A 61 -12.95 8.65 17.02
C SER A 61 -12.58 9.83 17.92
N GLN A 62 -12.63 9.60 19.23
CA GLN A 62 -12.34 10.65 20.20
CA GLN A 62 -12.30 10.62 20.23
C GLN A 62 -10.95 11.26 19.95
N LYS A 63 -10.00 10.45 19.48
CA LYS A 63 -8.65 10.94 19.20
C LYS A 63 -8.62 12.00 18.10
N PHE A 64 -9.56 11.90 17.16
CA PHE A 64 -9.61 12.79 16.01
C PHE A 64 -10.69 13.90 16.07
N LYS A 65 -11.42 13.96 17.19
CA LYS A 65 -12.59 14.86 17.24
C LYS A 65 -12.25 16.34 16.93
N ASP A 66 -11.09 16.79 17.39
CA ASP A 66 -10.67 18.19 17.17
C ASP A 66 -9.70 18.32 16.00
N LYS A 67 -9.56 17.27 15.22
CA LYS A 67 -8.56 17.26 14.17
C LYS A 67 -9.21 17.11 12.80
N ALA A 68 -10.23 16.26 12.73
CA ALA A 68 -10.83 15.92 11.45
C ALA A 68 -12.24 16.49 11.33
N THR A 69 -12.61 16.84 10.10
CA THR A 69 -13.93 17.37 9.79
C THR A 69 -14.46 16.66 8.53
N LEU A 70 -15.58 15.96 8.67
CA LEU A 70 -16.14 15.18 7.58
C LEU A 70 -17.35 15.85 6.99
N THR A 71 -17.38 15.93 5.67
CA THR A 71 -18.50 16.52 4.93
C THR A 71 -18.72 15.70 3.67
N VAL A 72 -19.82 15.95 2.97
CA VAL A 72 -20.11 15.31 1.69
C VAL A 72 -20.67 16.32 0.71
N ASP A 73 -20.61 15.97 -0.57
CA ASP A 73 -21.33 16.70 -1.59
C ASP A 73 -22.19 15.67 -2.33
N LYS A 74 -23.51 15.75 -2.12
CA LYS A 74 -24.43 14.79 -2.72
C LYS A 74 -24.42 14.88 -4.25
N SER A 75 -24.27 16.10 -4.77
CA SER A 75 -24.36 16.35 -6.21
C SER A 75 -23.24 15.68 -7.03
N SER A 76 -22.02 15.66 -6.47
CA SER A 76 -20.87 15.03 -7.13
C SER A 76 -20.50 13.66 -6.57
N SER A 77 -21.29 13.18 -5.59
CA SER A 77 -21.07 11.90 -4.91
C SER A 77 -19.67 11.81 -4.28
N THR A 78 -19.26 12.86 -3.59
CA THR A 78 -17.91 12.94 -3.06
C THR A 78 -17.95 13.15 -1.56
N ALA A 79 -17.12 12.38 -0.86
CA ALA A 79 -16.89 12.55 0.57
C ALA A 79 -15.58 13.28 0.76
N TYR A 80 -15.55 14.19 1.72
CA TYR A 80 -14.38 14.99 2.03
C TYR A 80 -13.97 14.79 3.47
N MET A 81 -12.67 14.85 3.71
CA MET A 81 -12.17 14.89 5.08
C MET A 81 -11.14 16.01 5.14
N GLN A 82 -11.34 16.90 6.11
CA GLN A 82 -10.45 18.04 6.32
C GLN A 82 -9.69 17.85 7.60
N LEU A 83 -8.38 18.09 7.55
CA LEU A 83 -7.51 17.99 8.74
C LEU A 83 -6.99 19.37 9.10
N SER A 84 -7.18 19.79 10.35
CA SER A 84 -6.81 21.14 10.76
C SER A 84 -5.34 21.21 11.16
N SER A 85 -4.76 22.38 10.99
CA SER A 85 -3.38 22.69 11.37
C SER A 85 -2.42 21.46 11.34
N PRO A 86 -2.16 20.92 10.14
CA PRO A 86 -1.36 19.70 10.06
C PRO A 86 0.08 19.78 10.58
N THR A 87 0.50 18.70 11.21
CA THR A 87 1.89 18.57 11.68
CA THR A 87 1.87 18.56 11.69
C THR A 87 2.48 17.35 10.99
N SER A 88 3.78 17.14 11.19
CA SER A 88 4.44 15.98 10.60
C SER A 88 3.79 14.64 11.03
N GLU A 89 3.15 14.60 12.21
CA GLU A 89 2.39 13.41 12.63
C GLU A 89 1.13 13.16 11.80
N ASP A 90 0.72 14.15 11.02
CA ASP A 90 -0.44 14.00 10.14
C ASP A 90 -0.07 13.39 8.77
N SER A 91 1.23 13.34 8.46
CA SER A 91 1.70 12.71 7.22
C SER A 91 1.40 11.23 7.32
N ALA A 92 0.57 10.75 6.40
CA ALA A 92 0.09 9.38 6.40
C ALA A 92 -0.64 9.13 5.11
N VAL A 93 -0.88 7.85 4.82
CA VAL A 93 -1.87 7.48 3.82
C VAL A 93 -3.23 7.58 4.50
N TYR A 94 -4.20 8.21 3.82
CA TYR A 94 -5.58 8.21 4.26
C TYR A 94 -6.52 7.50 3.25
N TYR A 95 -7.17 6.43 3.69
CA TYR A 95 -8.15 5.70 2.87
C TYR A 95 -9.55 6.11 3.17
N CYS A 96 -10.39 6.17 2.14
CA CYS A 96 -11.82 6.05 2.39
C CYS A 96 -12.19 4.56 2.24
N ALA A 97 -13.20 4.10 2.97
CA ALA A 97 -13.59 2.68 2.95
C ALA A 97 -15.08 2.48 3.23
N ARG A 98 -15.61 1.32 2.82
CA ARG A 98 -17.03 1.04 3.04
C ARG A 98 -17.26 -0.38 3.51
N LEU A 99 -18.23 -0.53 4.41
CA LEU A 99 -18.76 -1.84 4.78
C LEU A 99 -19.49 -2.45 3.58
N LYS A 100 -19.53 -3.78 3.54
CA LYS A 100 -20.42 -4.47 2.60
C LYS A 100 -21.87 -4.13 2.97
N PRO A 101 -22.71 -3.76 1.99
CA PRO A 101 -24.12 -3.52 2.28
C PRO A 101 -24.70 -4.64 3.15
N GLY A 102 -25.39 -4.27 4.24
CA GLY A 102 -25.96 -5.26 5.16
C GLY A 102 -24.96 -5.95 6.06
N GLY A 103 -23.69 -5.62 5.92
CA GLY A 103 -22.61 -6.30 6.64
C GLY A 103 -21.92 -5.37 7.63
N THR A 104 -20.85 -5.87 8.24
CA THR A 104 -20.11 -5.09 9.22
C THR A 104 -18.60 -5.20 9.01
N TRP A 105 -18.20 -5.57 7.78
CA TRP A 105 -16.80 -5.76 7.40
C TRP A 105 -16.42 -4.83 6.25
N PHE A 106 -15.22 -4.26 6.27
CA PHE A 106 -14.78 -3.33 5.21
C PHE A 106 -14.40 -4.07 3.91
N ALA A 107 -15.37 -4.17 3.00
CA ALA A 107 -15.18 -4.86 1.74
C ALA A 107 -14.57 -3.96 0.68
N TYR A 108 -14.80 -2.64 0.77
CA TYR A 108 -14.33 -1.73 -0.26
C TYR A 108 -13.39 -0.67 0.27
N TRP A 109 -12.31 -0.44 -0.47
CA TRP A 109 -11.27 0.49 -0.06
C TRP A 109 -10.83 1.34 -1.24
N GLY A 110 -10.69 2.64 -1.01
CA GLY A 110 -9.99 3.50 -1.94
C GLY A 110 -8.51 3.16 -1.92
N GLN A 111 -7.78 3.64 -2.90
CA GLN A 111 -6.35 3.37 -2.99
C GLN A 111 -5.55 4.12 -1.95
N GLY A 112 -6.13 5.17 -1.37
CA GLY A 112 -5.44 6.00 -0.39
C GLY A 112 -4.80 7.25 -0.98
N THR A 113 -4.79 8.31 -0.19
CA THR A 113 -4.08 9.55 -0.54
C THR A 113 -2.88 9.67 0.40
N LEU A 114 -1.67 9.80 -0.14
CA LEU A 114 -0.52 10.07 0.72
C LEU A 114 -0.46 11.55 1.03
N VAL A 115 -0.79 11.90 2.27
CA VAL A 115 -0.66 13.28 2.73
C VAL A 115 0.77 13.48 3.19
N THR A 116 1.44 14.49 2.61
CA THR A 116 2.77 14.88 3.06
C THR A 116 2.71 16.29 3.67
N VAL A 117 3.26 16.43 4.87
CA VAL A 117 3.27 17.70 5.57
C VAL A 117 4.70 18.21 5.60
N SER A 118 4.97 19.19 4.75
CA SER A 118 6.34 19.61 4.51
C SER A 118 6.41 21.01 3.93
N ALA A 119 7.48 21.71 4.28
CA ALA A 119 7.78 23.00 3.67
C ALA A 119 8.41 22.85 2.27
N ALA A 120 8.96 21.68 1.96
CA ALA A 120 9.51 21.39 0.62
C ALA A 120 8.48 21.51 -0.51
N LYS A 121 8.91 21.98 -1.68
CA LYS A 121 8.01 22.21 -2.83
C LYS A 121 7.75 21.01 -3.74
N THR A 122 6.58 20.98 -4.37
CA THR A 122 6.29 20.01 -5.44
C THR A 122 7.29 20.15 -6.58
N THR A 123 7.97 19.05 -6.89
CA THR A 123 8.98 18.99 -7.94
C THR A 123 8.77 17.73 -8.77
N ALA A 124 8.67 17.89 -10.10
CA ALA A 124 8.48 16.78 -11.02
C ALA A 124 9.76 15.96 -11.19
N PRO A 125 9.63 14.68 -11.54
CA PRO A 125 10.82 13.85 -11.58
C PRO A 125 11.61 14.03 -12.87
N SER A 126 12.91 13.74 -12.78
CA SER A 126 13.75 13.55 -13.94
C SER A 126 13.85 12.05 -14.12
N VAL A 127 13.67 11.59 -15.35
CA VAL A 127 13.64 10.17 -15.62
C VAL A 127 14.75 9.80 -16.60
N TYR A 128 15.64 8.92 -16.16
CA TYR A 128 16.80 8.56 -16.95
C TYR A 128 16.78 7.09 -17.36
N PRO A 129 17.01 6.81 -18.65
CA PRO A 129 17.07 5.45 -19.15
C PRO A 129 18.42 4.81 -18.76
N LEU A 130 18.40 3.52 -18.40
CA LEU A 130 19.65 2.81 -18.06
C LEU A 130 19.80 1.60 -19.00
N ALA A 131 20.68 1.77 -19.97
CA ALA A 131 20.95 0.77 -20.96
C ALA A 131 22.33 0.21 -20.64
N PRO A 132 22.61 -1.05 -21.05
CA PRO A 132 23.86 -1.69 -20.65
C PRO A 132 25.09 -0.95 -21.13
N VAL A 133 26.20 -1.22 -20.46
CA VAL A 133 27.51 -0.72 -20.86
C VAL A 133 27.72 -0.85 -22.37
N CYS A 134 28.18 0.24 -22.98
CA CYS A 134 28.57 0.25 -24.38
C CYS A 134 29.62 -0.84 -24.64
N GLY A 135 29.29 -1.74 -25.56
CA GLY A 135 30.25 -2.75 -26.04
C GLY A 135 30.40 -3.97 -25.15
N ASP A 136 29.53 -4.09 -24.15
CA ASP A 136 29.56 -5.23 -23.25
C ASP A 136 29.16 -6.54 -23.94
N THR A 137 29.52 -7.67 -23.32
CA THR A 137 29.16 -9.00 -23.82
C THR A 137 27.66 -9.25 -23.68
N THR A 138 27.07 -9.88 -24.69
CA THR A 138 25.65 -10.23 -24.66
C THR A 138 25.47 -11.66 -24.17
N GLY A 139 24.74 -11.80 -23.07
CA GLY A 139 24.39 -13.11 -22.50
C GLY A 139 23.12 -13.67 -23.13
N SER A 140 22.46 -14.55 -22.40
CA SER A 140 21.16 -15.08 -22.82
C SER A 140 20.03 -14.12 -22.38
N SER A 141 20.33 -13.28 -21.40
CA SER A 141 19.38 -12.27 -20.94
C SER A 141 20.04 -10.90 -20.83
N VAL A 142 19.22 -9.86 -20.74
CA VAL A 142 19.70 -8.49 -20.67
C VAL A 142 18.88 -7.72 -19.65
N THR A 143 19.55 -6.89 -18.87
CA THR A 143 18.89 -6.12 -17.83
C THR A 143 18.90 -4.63 -18.15
N LEU A 144 17.72 -4.04 -18.12
CA LEU A 144 17.55 -2.60 -18.38
C LEU A 144 17.08 -1.90 -17.11
N GLY A 145 17.15 -0.57 -17.13
CA GLY A 145 16.75 0.18 -15.98
C GLY A 145 16.14 1.53 -16.28
N CYS A 146 15.57 2.08 -15.23
CA CYS A 146 14.95 3.39 -15.28
C CYS A 146 15.23 4.05 -13.92
N LEU A 147 15.91 5.20 -13.94
CA LEU A 147 16.24 5.92 -12.71
C LEU A 147 15.37 7.18 -12.58
N VAL A 148 14.67 7.31 -11.46
CA VAL A 148 13.69 8.38 -11.25
C VAL A 148 14.19 9.27 -10.12
N LYS A 149 14.55 10.49 -10.48
CA LYS A 149 15.30 11.29 -9.58
C LYS A 149 14.72 12.70 -9.39
N GLY A 150 14.97 13.26 -8.21
CA GLY A 150 14.69 14.66 -7.94
C GLY A 150 13.23 15.07 -7.82
N TYR A 151 12.37 14.16 -7.34
CA TYR A 151 10.97 14.51 -7.22
C TYR A 151 10.48 14.69 -5.79
N PHE A 152 9.31 15.33 -5.67
CA PHE A 152 8.66 15.57 -4.38
C PHE A 152 7.24 16.04 -4.60
N PRO A 153 6.28 15.55 -3.81
CA PRO A 153 6.34 14.49 -2.80
C PRO A 153 6.11 13.11 -3.45
N GLU A 154 6.13 12.06 -2.63
CA GLU A 154 5.68 10.74 -3.04
C GLU A 154 4.16 10.80 -3.32
N PRO A 155 3.64 9.83 -4.10
CA PRO A 155 4.34 8.72 -4.73
C PRO A 155 4.64 9.00 -6.22
N VAL A 156 5.47 8.16 -6.85
CA VAL A 156 5.41 7.98 -8.30
C VAL A 156 5.01 6.54 -8.57
N THR A 157 4.33 6.32 -9.68
CA THR A 157 4.04 4.98 -10.17
C THR A 157 4.94 4.75 -11.38
N LEU A 158 5.54 3.55 -11.47
CA LEU A 158 6.36 3.13 -12.62
C LEU A 158 5.84 1.82 -13.24
N THR A 159 5.65 1.83 -14.57
CA THR A 159 5.42 0.62 -15.33
C THR A 159 6.40 0.56 -16.51
N TRP A 160 6.40 -0.60 -17.18
CA TRP A 160 7.19 -0.85 -18.37
C TRP A 160 6.21 -1.25 -19.45
N ASN A 161 6.34 -0.62 -20.63
CA ASN A 161 5.39 -0.89 -21.72
C ASN A 161 3.93 -0.81 -21.27
N SER A 162 3.62 0.24 -20.49
CA SER A 162 2.25 0.53 -20.05
C SER A 162 1.68 -0.63 -19.21
N GLY A 163 2.57 -1.37 -18.56
CA GLY A 163 2.19 -2.47 -17.71
C GLY A 163 2.13 -3.83 -18.37
N SER A 164 2.28 -3.87 -19.71
CA SER A 164 2.28 -5.14 -20.42
C SER A 164 3.60 -5.92 -20.22
N LEU A 165 4.62 -5.24 -19.73
CA LEU A 165 5.85 -5.92 -19.33
C LEU A 165 5.91 -6.01 -17.80
N SER A 166 5.54 -7.18 -17.26
CA SER A 166 5.45 -7.36 -15.80
C SER A 166 6.44 -8.37 -15.21
N SER A 167 6.75 -9.43 -15.95
CA SER A 167 7.69 -10.45 -15.48
C SER A 167 9.11 -9.90 -15.49
N GLY A 168 9.93 -10.33 -14.54
CA GLY A 168 11.33 -9.94 -14.48
C GLY A 168 11.58 -8.49 -14.07
N VAL A 169 10.54 -7.84 -13.53
CA VAL A 169 10.61 -6.44 -13.12
C VAL A 169 10.81 -6.33 -11.61
N HIS A 170 11.72 -5.44 -11.21
CA HIS A 170 11.87 -5.05 -9.80
C HIS A 170 11.77 -3.54 -9.71
N THR A 171 10.84 -3.07 -8.89
CA THR A 171 10.66 -1.64 -8.64
C THR A 171 11.01 -1.36 -7.20
N PHE A 172 12.01 -0.50 -6.99
CA PHE A 172 12.56 -0.25 -5.68
C PHE A 172 11.83 0.91 -5.01
N PRO A 173 11.53 0.77 -3.70
CA PRO A 173 10.82 1.82 -2.98
C PRO A 173 11.63 3.11 -2.97
N ALA A 174 10.92 4.23 -2.99
CA ALA A 174 11.54 5.55 -3.01
C ALA A 174 12.33 5.79 -1.74
N VAL A 175 13.44 6.51 -1.86
CA VAL A 175 14.21 6.96 -0.69
C VAL A 175 14.39 8.46 -0.80
N LEU A 176 14.21 9.16 0.34
CA LEU A 176 14.35 10.62 0.43
C LEU A 176 15.75 11.03 0.91
N GLN A 177 16.35 11.97 0.18
CA GLN A 177 17.61 12.57 0.58
C GLN A 177 17.51 14.08 0.34
N SER A 178 18.04 14.85 1.30
CA SER A 178 18.00 16.32 1.23
CA SER A 178 17.99 16.32 1.25
C SER A 178 16.81 16.85 0.41
N ASP A 179 15.59 16.49 0.83
CA ASP A 179 14.30 16.99 0.31
C ASP A 179 13.84 16.57 -1.10
N LEU A 180 14.50 15.56 -1.68
CA LEU A 180 14.11 15.00 -2.97
C LEU A 180 14.18 13.47 -2.96
N TYR A 181 13.20 12.82 -3.61
CA TYR A 181 13.16 11.37 -3.68
C TYR A 181 13.82 10.82 -4.94
N THR A 182 14.31 9.60 -4.81
CA THR A 182 14.81 8.80 -5.92
C THR A 182 14.17 7.42 -5.85
N LEU A 183 13.73 6.95 -7.01
CA LEU A 183 13.22 5.61 -7.16
C LEU A 183 13.87 4.99 -8.40
N SER A 184 13.96 3.67 -8.43
CA SER A 184 14.47 3.04 -9.63
C SER A 184 13.73 1.74 -9.89
N SER A 185 13.85 1.25 -11.11
CA SER A 185 13.27 -0.03 -11.48
C SER A 185 14.16 -0.70 -12.49
N SER A 186 14.17 -2.03 -12.47
CA SER A 186 14.93 -2.80 -13.43
C SER A 186 14.02 -3.80 -14.09
N VAL A 187 14.34 -4.14 -15.34
CA VAL A 187 13.62 -5.19 -16.05
C VAL A 187 14.62 -6.10 -16.76
N THR A 188 14.35 -7.40 -16.70
CA THR A 188 15.22 -8.40 -17.32
C THR A 188 14.42 -9.18 -18.36
N VAL A 189 14.94 -9.19 -19.59
CA VAL A 189 14.32 -9.87 -20.70
C VAL A 189 15.38 -10.69 -21.41
N THR A 190 14.97 -11.51 -22.38
CA THR A 190 15.91 -12.28 -23.19
C THR A 190 16.61 -11.35 -24.17
N SER A 191 17.84 -11.70 -24.54
CA SER A 191 18.60 -10.89 -25.51
C SER A 191 17.93 -10.84 -26.89
N SER A 192 17.03 -11.79 -27.16
CA SER A 192 16.27 -11.81 -28.41
C SER A 192 15.19 -10.73 -28.38
N THR A 193 14.79 -10.34 -27.17
CA THR A 193 13.74 -9.34 -26.99
C THR A 193 14.24 -7.90 -27.24
N TRP A 194 15.41 -7.56 -26.70
CA TRP A 194 15.91 -6.19 -26.75
C TRP A 194 17.33 -6.15 -27.32
N PRO A 195 17.65 -5.16 -28.19
CA PRO A 195 16.88 -3.99 -28.62
C PRO A 195 15.91 -4.17 -29.81
N SER A 196 15.68 -5.42 -30.25
CA SER A 196 14.79 -5.65 -31.37
C SER A 196 13.36 -5.17 -31.11
N GLN A 197 12.85 -5.41 -29.90
CA GLN A 197 11.55 -4.86 -29.53
C GLN A 197 11.70 -3.68 -28.58
N SER A 198 10.79 -2.71 -28.68
CA SER A 198 10.92 -1.49 -27.89
C SER A 198 10.52 -1.69 -26.42
N ILE A 199 11.33 -1.18 -25.51
CA ILE A 199 11.03 -1.21 -24.09
C ILE A 199 11.07 0.21 -23.52
N THR A 200 9.95 0.63 -22.92
CA THR A 200 9.76 2.00 -22.41
C THR A 200 9.34 1.96 -20.93
N CYS A 201 9.99 2.75 -20.06
CA CYS A 201 9.44 2.93 -18.71
C CYS A 201 8.50 4.14 -18.69
N ASN A 202 7.40 3.99 -17.97
CA ASN A 202 6.38 5.03 -17.85
C ASN A 202 6.33 5.42 -16.38
N VAL A 203 6.41 6.72 -16.12
CA VAL A 203 6.51 7.25 -14.78
C VAL A 203 5.40 8.26 -14.55
N ALA A 204 4.55 8.00 -13.56
CA ALA A 204 3.50 8.95 -13.23
C ALA A 204 3.81 9.58 -11.90
N HIS A 205 3.68 10.91 -11.86
CA HIS A 205 3.83 11.68 -10.63
C HIS A 205 2.60 12.57 -10.44
N PRO A 206 1.57 12.03 -9.74
CA PRO A 206 0.29 12.74 -9.64
C PRO A 206 0.39 14.10 -8.93
N ALA A 207 1.30 14.25 -7.99
CA ALA A 207 1.41 15.55 -7.29
C ALA A 207 1.73 16.71 -8.25
N SER A 208 2.59 16.46 -9.24
CA SER A 208 2.94 17.50 -10.24
C SER A 208 2.16 17.35 -11.53
N SER A 209 1.18 16.43 -11.54
CA SER A 209 0.36 16.15 -12.73
C SER A 209 1.22 15.78 -13.96
N THR A 210 2.24 14.95 -13.74
CA THR A 210 3.22 14.63 -14.78
C THR A 210 3.21 13.15 -15.12
N LYS A 211 3.22 12.83 -16.40
CA LYS A 211 3.55 11.47 -16.83
C LYS A 211 4.72 11.51 -17.84
N VAL A 212 5.77 10.72 -17.62
CA VAL A 212 6.93 10.70 -18.52
C VAL A 212 7.15 9.30 -19.09
N ASP A 213 7.27 9.20 -20.41
CA ASP A 213 7.72 7.95 -21.04
C ASP A 213 9.17 8.09 -21.47
N LYS A 214 9.98 7.10 -21.11
CA LYS A 214 11.38 7.06 -21.55
CA LYS A 214 11.38 7.07 -21.53
C LYS A 214 11.69 5.73 -22.23
N LYS A 215 11.96 5.78 -23.52
CA LYS A 215 12.31 4.56 -24.24
C LYS A 215 13.79 4.26 -24.01
N ILE A 216 14.08 2.99 -23.75
CA ILE A 216 15.47 2.57 -23.51
C ILE A 216 16.16 2.26 -24.83
N GLU A 217 17.13 3.08 -25.16
CA GLU A 217 17.94 2.91 -26.37
C GLU A 217 19.33 2.38 -26.05
N PRO A 218 19.90 1.57 -26.96
CA PRO A 218 21.31 1.19 -26.79
C PRO A 218 22.19 2.43 -26.72
N ARG A 219 23.26 2.34 -25.95
CA ARG A 219 24.25 3.41 -25.93
C ARG A 219 25.04 3.44 -27.22
N GLY A 220 25.33 4.66 -27.67
CA GLY A 220 26.23 4.87 -28.81
C GLY A 220 27.68 4.93 -28.36
N PRO A 221 28.63 4.50 -29.21
CA PRO A 221 30.08 4.59 -28.91
C PRO A 221 30.57 6.02 -28.59
N THR A 222 31.84 6.13 -28.17
CA THR A 222 32.45 7.40 -27.71
C THR A 222 31.71 8.02 -26.51
N ASP B 1 -11.51 1.72 24.34
CA ASP B 1 -11.08 1.01 23.08
C ASP B 1 -10.87 -0.49 23.33
N ILE B 2 -11.29 -1.31 22.38
CA ILE B 2 -10.90 -2.71 22.37
C ILE B 2 -9.51 -2.80 21.73
N VAL B 3 -8.54 -3.26 22.50
CA VAL B 3 -7.17 -3.36 22.04
C VAL B 3 -6.94 -4.76 21.50
N LEU B 4 -6.37 -4.86 20.31
CA LEU B 4 -6.05 -6.15 19.70
C LEU B 4 -4.55 -6.35 19.65
N THR B 5 -4.08 -7.42 20.27
CA THR B 5 -2.66 -7.74 20.27
C THR B 5 -2.42 -8.92 19.31
N GLN B 6 -1.58 -8.71 18.31
CA GLN B 6 -1.22 -9.76 17.36
C GLN B 6 0.09 -10.43 17.73
N SER B 7 0.18 -11.73 17.45
CA SER B 7 1.38 -12.49 17.71
C SER B 7 1.57 -13.57 16.65
N PRO B 8 2.82 -13.73 16.15
CA PRO B 8 3.95 -12.84 16.46
C PRO B 8 3.89 -11.56 15.60
N ALA B 9 4.83 -10.65 15.83
CA ALA B 9 4.96 -9.45 15.00
C ALA B 9 5.41 -9.82 13.59
N SER B 10 6.34 -10.77 13.52
CA SER B 10 6.82 -11.30 12.23
C SER B 10 6.98 -12.82 12.27
N LEU B 11 6.63 -13.45 11.15
CA LEU B 11 6.64 -14.89 11.02
C LEU B 11 7.37 -15.28 9.74
N THR B 12 8.36 -16.16 9.86
CA THR B 12 9.05 -16.72 8.71
C THR B 12 8.65 -18.19 8.49
N VAL B 13 8.22 -18.50 7.27
CA VAL B 13 7.61 -19.78 6.94
C VAL B 13 8.09 -20.28 5.58
N SER B 14 8.41 -21.57 5.49
CA SER B 14 8.79 -22.21 4.22
C SER B 14 7.55 -22.45 3.39
N LEU B 15 7.70 -22.50 2.06
CA LEU B 15 6.58 -22.77 1.18
C LEU B 15 5.97 -24.14 1.44
N GLY B 16 4.64 -24.21 1.47
CA GLY B 16 3.92 -25.44 1.76
C GLY B 16 3.63 -25.69 3.24
N GLN B 17 4.29 -24.95 4.13
CA GLN B 17 4.03 -25.04 5.57
C GLN B 17 2.70 -24.40 5.97
N ARG B 18 2.35 -24.61 7.23
CA ARG B 18 1.22 -23.92 7.84
C ARG B 18 1.71 -22.65 8.52
N ALA B 19 1.02 -21.53 8.23
CA ALA B 19 1.23 -20.30 9.00
C ALA B 19 0.04 -20.02 9.92
N THR B 20 0.34 -19.67 11.16
CA THR B 20 -0.69 -19.40 12.16
C THR B 20 -0.47 -18.04 12.80
N ILE B 21 -1.46 -17.16 12.69
CA ILE B 21 -1.38 -15.83 13.27
C ILE B 21 -2.45 -15.67 14.32
N SER B 22 -2.05 -15.16 15.49
CA SER B 22 -2.94 -15.04 16.64
C SER B 22 -3.39 -13.59 16.90
N CYS B 23 -4.61 -13.44 17.40
CA CYS B 23 -5.16 -12.11 17.75
C CYS B 23 -5.98 -12.16 19.04
N ARG B 24 -5.53 -11.45 20.07
CA ARG B 24 -6.27 -11.37 21.34
C ARG B 24 -6.91 -9.98 21.52
N ALA B 25 -8.15 -9.98 21.99
CA ALA B 25 -8.87 -8.74 22.24
C ALA B 25 -8.90 -8.48 23.74
N SER B 26 -8.89 -7.20 24.12
CA SER B 26 -8.90 -6.82 25.54
C SER B 26 -10.26 -7.07 26.17
N LYS B 27 -11.29 -7.11 25.34
CA LYS B 27 -12.61 -7.58 25.75
C LYS B 27 -13.29 -8.25 24.55
N SER B 28 -14.38 -8.96 24.83
CA SER B 28 -15.08 -9.78 23.84
C SER B 28 -15.59 -8.97 22.67
N VAL B 29 -15.55 -9.58 21.48
CA VAL B 29 -16.08 -8.95 20.28
C VAL B 29 -17.30 -9.70 19.75
N ASP B 30 -17.84 -10.59 20.59
CA ASP B 30 -19.06 -11.35 20.28
C ASP B 30 -20.31 -10.57 20.63
N SER B 31 -21.28 -10.63 19.73
CA SER B 31 -22.55 -9.95 19.94
C SER B 31 -23.65 -10.71 19.24
N TYR B 32 -24.69 -11.05 20.01
CA TYR B 32 -25.87 -11.71 19.46
C TYR B 32 -25.56 -12.91 18.53
N GLY B 33 -24.65 -13.78 18.97
CA GLY B 33 -24.31 -14.98 18.21
C GLY B 33 -23.23 -14.82 17.15
N ASN B 34 -22.75 -13.59 16.93
CA ASN B 34 -21.75 -13.32 15.90
C ASN B 34 -20.44 -12.83 16.49
N SER B 35 -19.32 -13.28 15.92
CA SER B 35 -18.00 -12.78 16.28
C SER B 35 -17.56 -11.70 15.29
N PHE B 36 -17.45 -10.47 15.77
CA PHE B 36 -17.15 -9.34 14.91
C PHE B 36 -15.64 -9.15 14.70
N MET B 37 -15.01 -10.11 14.01
CA MET B 37 -13.57 -10.08 13.77
C MET B 37 -13.27 -10.27 12.29
N GLU B 38 -12.50 -9.34 11.73
CA GLU B 38 -12.09 -9.42 10.34
C GLU B 38 -10.59 -9.67 10.23
N TRP B 39 -10.15 -10.27 9.13
CA TRP B 39 -8.72 -10.41 8.85
C TRP B 39 -8.42 -9.82 7.49
N TYR B 40 -7.33 -9.07 7.39
CA TYR B 40 -6.95 -8.42 6.13
C TYR B 40 -5.53 -8.80 5.71
N GLN B 41 -5.31 -8.83 4.40
CA GLN B 41 -3.95 -8.92 3.84
C GLN B 41 -3.58 -7.60 3.17
N GLN B 42 -2.39 -7.08 3.47
CA GLN B 42 -1.94 -5.84 2.84
C GLN B 42 -0.56 -6.00 2.25
N LYS B 43 -0.48 -5.79 0.94
CA LYS B 43 0.81 -5.72 0.25
CA LYS B 43 0.81 -5.72 0.25
C LYS B 43 1.24 -4.26 0.10
N PRO B 44 2.56 -4.00 0.06
CA PRO B 44 3.04 -2.61 -0.13
C PRO B 44 2.40 -1.88 -1.32
N GLY B 45 1.99 -0.65 -1.09
CA GLY B 45 1.39 0.19 -2.12
C GLY B 45 -0.08 -0.03 -2.36
N GLN B 46 -0.69 -0.92 -1.60
CA GLN B 46 -2.10 -1.28 -1.81
C GLN B 46 -2.86 -1.08 -0.51
N PRO B 47 -4.18 -0.84 -0.62
CA PRO B 47 -5.02 -0.84 0.57
C PRO B 47 -5.16 -2.26 1.14
N PRO B 48 -5.57 -2.36 2.42
CA PRO B 48 -5.85 -3.67 3.00
C PRO B 48 -6.90 -4.41 2.17
N LYS B 49 -6.76 -5.72 2.06
CA LYS B 49 -7.69 -6.52 1.29
C LYS B 49 -8.37 -7.52 2.22
N LEU B 50 -9.70 -7.51 2.25
CA LEU B 50 -10.45 -8.38 3.17
C LEU B 50 -10.27 -9.88 2.82
N LEU B 51 -9.88 -10.65 3.82
CA LEU B 51 -9.73 -12.12 3.71
C LEU B 51 -10.90 -12.87 4.36
N ILE B 52 -11.15 -12.52 5.63
CA ILE B 52 -12.09 -13.26 6.48
C ILE B 52 -12.99 -12.27 7.21
N TYR B 53 -14.31 -12.51 7.16
CA TYR B 53 -15.25 -11.69 7.94
C TYR B 53 -16.02 -12.53 8.96
N ARG B 54 -16.45 -11.87 10.04
CA ARG B 54 -17.15 -12.51 11.14
C ARG B 54 -16.42 -13.77 11.62
N ALA B 55 -15.11 -13.61 11.84
CA ALA B 55 -14.19 -14.64 12.40
C ALA B 55 -13.79 -15.82 11.48
N SER B 56 -14.71 -16.30 10.65
CA SER B 56 -14.49 -17.57 9.92
C SER B 56 -15.09 -17.64 8.50
N ASN B 57 -15.69 -16.55 8.01
CA ASN B 57 -16.27 -16.58 6.66
C ASN B 57 -15.32 -16.08 5.58
N LEU B 58 -15.02 -16.96 4.63
CA LEU B 58 -14.15 -16.63 3.52
C LEU B 58 -14.82 -15.59 2.61
N GLU B 59 -14.12 -14.48 2.37
CA GLU B 59 -14.61 -13.47 1.44
C GLU B 59 -14.51 -14.02 0.02
N SER B 60 -15.47 -13.66 -0.84
CA SER B 60 -15.44 -14.09 -2.24
C SER B 60 -14.09 -13.76 -2.88
N GLY B 61 -13.57 -14.68 -3.69
CA GLY B 61 -12.30 -14.48 -4.38
C GLY B 61 -11.06 -14.79 -3.56
N ILE B 62 -11.26 -15.14 -2.29
CA ILE B 62 -10.15 -15.51 -1.40
C ILE B 62 -10.02 -17.04 -1.38
N PRO B 63 -8.80 -17.55 -1.69
CA PRO B 63 -8.62 -19.00 -1.74
C PRO B 63 -8.82 -19.66 -0.38
N ALA B 64 -9.22 -20.93 -0.41
CA ALA B 64 -9.54 -21.71 0.80
C ALA B 64 -8.32 -22.08 1.66
N ARG B 65 -7.12 -21.74 1.19
CA ARG B 65 -5.90 -21.90 1.98
C ARG B 65 -5.96 -20.99 3.21
N PHE B 66 -6.78 -19.95 3.11
CA PHE B 66 -7.02 -19.03 4.23
C PHE B 66 -8.23 -19.51 5.01
N SER B 67 -8.09 -19.56 6.33
CA SER B 67 -9.21 -19.90 7.20
C SER B 67 -9.08 -19.17 8.52
N GLY B 68 -10.20 -18.97 9.20
CA GLY B 68 -10.19 -18.26 10.48
C GLY B 68 -11.00 -19.00 11.52
N SER B 69 -10.56 -18.91 12.77
CA SER B 69 -11.30 -19.50 13.87
C SER B 69 -11.21 -18.64 15.14
N GLY B 70 -11.96 -19.06 16.16
CA GLY B 70 -11.96 -18.38 17.44
C GLY B 70 -13.30 -17.75 17.78
N SER B 71 -13.35 -17.18 18.98
CA SER B 71 -14.50 -16.44 19.49
C SER B 71 -14.08 -15.68 20.73
N ARG B 72 -14.94 -14.75 21.16
CA ARG B 72 -14.77 -13.99 22.40
C ARG B 72 -13.57 -13.06 22.36
N THR B 73 -12.43 -13.52 22.86
CA THR B 73 -11.21 -12.71 22.85
C THR B 73 -10.01 -13.36 22.16
N ASP B 74 -10.20 -14.55 21.59
CA ASP B 74 -9.09 -15.27 20.95
C ASP B 74 -9.42 -15.69 19.55
N PHE B 75 -8.58 -15.25 18.62
CA PHE B 75 -8.83 -15.49 17.20
C PHE B 75 -7.55 -15.92 16.52
N THR B 76 -7.73 -16.73 15.47
CA THR B 76 -6.60 -17.24 14.72
CA THR B 76 -6.61 -17.28 14.73
C THR B 76 -6.84 -17.17 13.23
N LEU B 77 -5.82 -16.72 12.51
CA LEU B 77 -5.79 -16.78 11.05
C LEU B 77 -4.82 -17.89 10.66
N THR B 78 -5.28 -18.83 9.85
CA THR B 78 -4.43 -19.92 9.40
C THR B 78 -4.28 -19.84 7.88
N ILE B 79 -3.03 -19.99 7.43
CA ILE B 79 -2.72 -20.09 6.00
C ILE B 79 -2.08 -21.46 5.75
N ASN B 80 -2.73 -22.28 4.92
CA ASN B 80 -2.29 -23.66 4.71
C ASN B 80 -2.83 -24.31 3.43
N PRO B 81 -1.93 -24.66 2.47
CA PRO B 81 -0.48 -24.44 2.51
C PRO B 81 -0.12 -23.00 2.12
N VAL B 82 0.99 -22.50 2.65
CA VAL B 82 1.44 -21.17 2.31
C VAL B 82 1.92 -21.19 0.86
N GLU B 83 1.68 -20.09 0.16
CA GLU B 83 2.15 -19.92 -1.21
C GLU B 83 3.01 -18.65 -1.33
N ALA B 84 3.81 -18.59 -2.38
CA ALA B 84 4.74 -17.47 -2.58
C ALA B 84 4.01 -16.12 -2.52
N ASP B 85 2.87 -16.05 -3.20
CA ASP B 85 2.04 -14.86 -3.28
C ASP B 85 1.54 -14.33 -1.93
N ASP B 86 1.73 -15.11 -0.86
CA ASP B 86 1.16 -14.76 0.44
C ASP B 86 2.03 -13.80 1.25
N VAL B 87 3.23 -13.50 0.76
CA VAL B 87 4.11 -12.54 1.45
C VAL B 87 3.39 -11.21 1.59
N ALA B 88 3.31 -10.70 2.81
CA ALA B 88 2.43 -9.58 3.10
C ALA B 88 2.45 -9.24 4.58
N THR B 89 1.73 -8.18 4.93
CA THR B 89 1.36 -7.94 6.33
C THR B 89 -0.13 -8.21 6.53
N TYR B 90 -0.45 -8.95 7.60
CA TYR B 90 -1.81 -9.35 7.93
C TYR B 90 -2.29 -8.62 9.19
N TYR B 91 -3.57 -8.18 9.18
CA TYR B 91 -4.17 -7.48 10.31
C TYR B 91 -5.48 -8.12 10.70
N CYS B 92 -5.71 -8.25 12.01
CA CYS B 92 -7.06 -8.46 12.53
C CYS B 92 -7.68 -7.09 12.81
N GLN B 93 -9.01 -7.06 12.90
CA GLN B 93 -9.75 -5.82 13.18
C GLN B 93 -11.11 -6.19 13.77
N GLN B 94 -11.46 -5.58 14.90
CA GLN B 94 -12.79 -5.80 15.49
C GLN B 94 -13.81 -4.78 15.00
N SER B 95 -15.04 -5.25 14.81
CA SER B 95 -16.11 -4.43 14.27
C SER B 95 -17.35 -4.44 15.19
N ASN B 96 -17.11 -4.68 16.47
CA ASN B 96 -18.16 -4.79 17.47
C ASN B 96 -18.44 -3.47 18.15
N GLU B 97 -17.37 -2.78 18.56
CA GLU B 97 -17.47 -1.64 19.44
C GLU B 97 -16.80 -0.41 18.85
N ASP B 98 -17.47 0.72 19.05
CA ASP B 98 -16.97 2.02 18.64
C ASP B 98 -15.81 2.39 19.55
N PRO B 99 -14.64 2.75 18.99
CA PRO B 99 -14.29 2.80 17.57
C PRO B 99 -13.76 1.48 17.02
N TYR B 100 -13.94 1.23 15.71
CA TYR B 100 -13.24 0.13 15.05
C TYR B 100 -11.77 0.21 15.41
N THR B 101 -11.15 -0.93 15.67
CA THR B 101 -9.73 -0.98 16.05
C THR B 101 -9.03 -2.15 15.38
N PHE B 102 -7.75 -1.96 15.06
CA PHE B 102 -6.93 -2.94 14.35
C PHE B 102 -5.85 -3.47 15.26
N GLY B 103 -5.43 -4.72 15.00
CA GLY B 103 -4.18 -5.24 15.57
C GLY B 103 -2.99 -4.52 14.95
N GLY B 104 -1.83 -4.66 15.58
CA GLY B 104 -0.61 -4.02 15.11
C GLY B 104 0.02 -4.65 13.87
N GLY B 105 -0.52 -5.78 13.44
CA GLY B 105 -0.07 -6.46 12.23
C GLY B 105 0.97 -7.54 12.45
N THR B 106 1.07 -8.44 11.47
CA THR B 106 2.05 -9.53 11.45
C THR B 106 2.62 -9.63 10.03
N LYS B 107 3.93 -9.44 9.90
CA LYS B 107 4.60 -9.55 8.62
C LYS B 107 4.95 -11.00 8.31
N LEU B 108 4.44 -11.51 7.19
CA LEU B 108 4.76 -12.86 6.76
C LEU B 108 5.88 -12.85 5.74
N GLU B 109 7.01 -13.41 6.14
CA GLU B 109 8.19 -13.54 5.28
CA GLU B 109 8.20 -13.54 5.29
C GLU B 109 8.42 -15.02 4.97
N ILE B 110 8.95 -15.30 3.79
CA ILE B 110 9.10 -16.68 3.36
C ILE B 110 10.54 -17.22 3.39
N LYS B 111 10.73 -18.41 3.96
CA LYS B 111 12.06 -19.02 3.95
C LYS B 111 12.27 -19.90 2.73
N ARG B 112 13.39 -19.68 2.05
CA ARG B 112 13.69 -20.38 0.81
C ARG B 112 15.18 -20.71 0.70
N ALA B 113 15.53 -21.46 -0.33
CA ALA B 113 16.93 -21.81 -0.61
C ALA B 113 17.78 -20.55 -0.86
N ASP B 114 19.01 -20.57 -0.39
CA ASP B 114 19.98 -19.51 -0.69
C ASP B 114 20.13 -19.30 -2.22
N ALA B 115 20.17 -18.04 -2.63
CA ALA B 115 20.43 -17.69 -4.03
C ALA B 115 21.38 -16.51 -4.13
N ALA B 116 22.28 -16.57 -5.11
CA ALA B 116 23.28 -15.54 -5.34
C ALA B 116 22.69 -14.40 -6.16
N PRO B 117 23.11 -13.16 -5.88
CA PRO B 117 22.63 -12.01 -6.66
C PRO B 117 23.11 -12.04 -8.10
N THR B 118 22.26 -11.58 -9.02
CA THR B 118 22.65 -11.26 -10.39
C THR B 118 22.94 -9.75 -10.42
N VAL B 119 24.17 -9.39 -10.75
CA VAL B 119 24.61 -8.00 -10.66
C VAL B 119 24.76 -7.32 -12.05
N SER B 120 24.26 -6.09 -12.15
CA SER B 120 24.30 -5.30 -13.37
C SER B 120 24.70 -3.87 -13.03
N ILE B 121 25.67 -3.31 -13.76
CA ILE B 121 26.13 -1.93 -13.54
C ILE B 121 25.71 -1.01 -14.72
N PHE B 122 25.29 0.21 -14.40
CA PHE B 122 24.87 1.18 -15.44
C PHE B 122 25.58 2.52 -15.29
N PRO B 123 26.30 2.95 -16.35
CA PRO B 123 26.93 4.25 -16.34
C PRO B 123 25.84 5.32 -16.38
N PRO B 124 26.19 6.58 -16.11
CA PRO B 124 25.19 7.65 -16.19
C PRO B 124 24.56 7.75 -17.56
N SER B 125 23.27 8.01 -17.62
CA SER B 125 22.63 8.28 -18.90
C SER B 125 23.20 9.60 -19.42
N SER B 126 23.30 9.72 -20.73
CA SER B 126 23.89 10.95 -21.27
C SER B 126 22.95 12.10 -20.97
N GLU B 127 21.65 11.82 -20.90
CA GLU B 127 20.72 12.89 -20.58
C GLU B 127 21.00 13.49 -19.20
N GLN B 128 21.27 12.65 -18.21
CA GLN B 128 21.58 13.18 -16.88
C GLN B 128 22.81 14.10 -16.90
N LEU B 129 23.81 13.74 -17.70
CA LEU B 129 25.04 14.53 -17.80
C LEU B 129 24.78 15.98 -18.18
N THR B 130 23.76 16.23 -19.01
CA THR B 130 23.37 17.59 -19.40
C THR B 130 22.82 18.42 -18.23
N SER B 131 22.36 17.75 -17.19
CA SER B 131 21.91 18.44 -15.98
C SER B 131 23.08 18.78 -15.05
N GLY B 132 24.28 18.29 -15.34
CA GLY B 132 25.45 18.53 -14.50
C GLY B 132 25.63 17.58 -13.33
N GLY B 133 24.88 16.47 -13.35
CA GLY B 133 25.02 15.41 -12.33
C GLY B 133 25.30 14.09 -13.01
N ALA B 134 25.83 13.14 -12.26
CA ALA B 134 26.14 11.80 -12.78
C ALA B 134 25.86 10.71 -11.74
N SER B 135 24.86 9.87 -12.00
CA SER B 135 24.60 8.70 -11.17
C SER B 135 25.01 7.40 -11.84
N VAL B 136 25.75 6.57 -11.12
CA VAL B 136 26.04 5.20 -11.52
C VAL B 136 25.12 4.23 -10.76
N VAL B 137 24.51 3.30 -11.49
CA VAL B 137 23.54 2.43 -10.85
C VAL B 137 24.03 0.99 -10.91
N CYS B 138 23.81 0.30 -9.81
CA CYS B 138 24.12 -1.12 -9.72
C CYS B 138 22.89 -1.83 -9.18
N PHE B 139 22.36 -2.78 -9.96
CA PHE B 139 21.26 -3.63 -9.50
C PHE B 139 21.81 -4.99 -9.04
N LEU B 140 21.37 -5.43 -7.86
CA LEU B 140 21.74 -6.74 -7.31
C LEU B 140 20.43 -7.49 -7.15
N ASN B 141 20.14 -8.40 -8.07
CA ASN B 141 18.79 -8.92 -8.21
C ASN B 141 18.65 -10.39 -7.87
N ASN B 142 17.50 -10.71 -7.26
CA ASN B 142 17.06 -12.07 -7.03
C ASN B 142 17.99 -12.92 -6.17
N PHE B 143 18.39 -12.35 -5.03
CA PHE B 143 19.21 -13.06 -4.04
C PHE B 143 18.41 -13.48 -2.80
N TYR B 144 18.96 -14.42 -2.04
CA TYR B 144 18.45 -14.82 -0.70
C TYR B 144 19.56 -15.45 0.10
N PRO B 145 19.68 -15.10 1.40
CA PRO B 145 18.85 -14.20 2.25
C PRO B 145 18.99 -12.70 1.95
N LYS B 146 18.18 -11.90 2.66
CA LYS B 146 18.09 -10.45 2.50
C LYS B 146 19.41 -9.72 2.75
N ASP B 147 20.23 -10.26 3.63
CA ASP B 147 21.50 -9.62 3.97
C ASP B 147 22.41 -9.55 2.75
N ILE B 148 23.03 -8.38 2.54
CA ILE B 148 23.94 -8.13 1.42
C ILE B 148 24.69 -6.82 1.66
N ASN B 149 25.92 -6.72 1.17
CA ASN B 149 26.67 -5.46 1.18
C ASN B 149 27.06 -5.04 -0.24
N VAL B 150 27.12 -3.72 -0.43
CA VAL B 150 27.61 -3.16 -1.67
C VAL B 150 28.75 -2.20 -1.38
N LYS B 151 29.79 -2.33 -2.18
CA LYS B 151 30.93 -1.45 -2.09
C LYS B 151 31.05 -0.78 -3.45
N TRP B 152 31.34 0.52 -3.42
CA TRP B 152 31.62 1.26 -4.65
C TRP B 152 33.09 1.61 -4.69
N LYS B 153 33.73 1.37 -5.84
CA LYS B 153 35.11 1.77 -6.05
C LYS B 153 35.29 2.63 -7.27
N ILE B 154 36.01 3.74 -7.06
CA ILE B 154 36.29 4.69 -8.10
C ILE B 154 37.81 4.71 -8.27
N ASP B 155 38.25 4.35 -9.48
CA ASP B 155 39.65 4.13 -9.77
C ASP B 155 40.33 3.20 -8.76
N GLY B 156 39.62 2.11 -8.44
CA GLY B 156 40.14 1.05 -7.60
C GLY B 156 40.09 1.32 -6.10
N SER B 157 39.57 2.49 -5.73
CA SER B 157 39.54 2.93 -4.35
CA SER B 157 39.53 2.90 -4.34
C SER B 157 38.11 3.25 -3.89
N GLU B 158 37.77 2.76 -2.72
CA GLU B 158 36.44 3.01 -2.14
C GLU B 158 36.45 4.45 -1.66
N ARG B 159 35.57 5.28 -2.22
CA ARG B 159 35.58 6.71 -1.94
C ARG B 159 34.24 7.23 -1.44
N GLN B 160 34.35 8.24 -0.55
CA GLN B 160 33.22 8.74 0.23
C GLN B 160 32.22 9.61 -0.56
N ASN B 161 30.95 9.51 -0.13
CA ASN B 161 29.84 10.42 -0.49
CA ASN B 161 29.85 10.44 -0.50
C ASN B 161 29.00 10.08 -1.74
N GLY B 162 27.71 10.40 -1.67
CA GLY B 162 26.78 10.27 -2.77
C GLY B 162 26.07 8.96 -3.01
N VAL B 163 25.82 8.17 -1.96
CA VAL B 163 25.21 6.85 -2.18
C VAL B 163 23.73 6.78 -1.72
N LEU B 164 22.91 6.09 -2.52
CA LEU B 164 21.50 5.82 -2.22
C LEU B 164 21.14 4.35 -2.47
N ASN B 165 20.83 3.63 -1.39
CA ASN B 165 20.45 2.23 -1.48
C ASN B 165 18.99 1.99 -1.20
N SER B 166 18.40 1.06 -1.93
CA SER B 166 17.00 0.69 -1.71
C SER B 166 16.81 -0.81 -1.95
N TRP B 167 16.03 -1.45 -1.08
CA TRP B 167 15.80 -2.90 -1.12
C TRP B 167 14.34 -3.12 -1.41
N THR B 168 14.01 -4.10 -2.24
CA THR B 168 12.61 -4.48 -2.46
C THR B 168 12.06 -5.30 -1.31
N ASP B 169 10.73 -5.37 -1.25
CA ASP B 169 10.07 -6.33 -0.37
CA ASP B 169 10.00 -6.31 -0.40
C ASP B 169 10.21 -7.68 -1.04
N GLN B 170 10.08 -8.75 -0.26
CA GLN B 170 10.22 -10.11 -0.81
C GLN B 170 9.33 -10.29 -2.04
N ASP B 171 9.92 -10.81 -3.11
CA ASP B 171 9.22 -11.02 -4.38
C ASP B 171 8.07 -12.01 -4.24
N SER B 172 6.90 -11.68 -4.77
CA SER B 172 5.71 -12.54 -4.65
C SER B 172 5.75 -13.81 -5.53
N LYS B 173 6.83 -13.99 -6.28
CA LYS B 173 6.94 -15.14 -7.21
C LYS B 173 8.04 -16.13 -6.84
N ASP B 174 9.28 -15.65 -6.81
CA ASP B 174 10.41 -16.53 -6.50
C ASP B 174 10.90 -16.33 -5.08
N SER B 175 10.24 -15.42 -4.36
CA SER B 175 10.48 -15.21 -2.92
CA SER B 175 10.48 -15.22 -2.92
C SER B 175 11.88 -14.67 -2.62
N THR B 176 12.48 -14.00 -3.60
CA THR B 176 13.81 -13.41 -3.42
C THR B 176 13.74 -11.91 -3.10
N TYR B 177 14.91 -11.34 -2.80
CA TYR B 177 15.07 -9.91 -2.59
C TYR B 177 15.96 -9.33 -3.71
N SER B 178 15.79 -8.03 -3.94
CA SER B 178 16.62 -7.30 -4.86
C SER B 178 17.00 -5.97 -4.23
N MET B 179 18.13 -5.42 -4.68
CA MET B 179 18.65 -4.19 -4.14
C MET B 179 19.17 -3.27 -5.27
N SER B 180 18.95 -1.96 -5.10
CA SER B 180 19.47 -0.99 -6.02
C SER B 180 20.41 -0.04 -5.30
N SER B 181 21.62 0.13 -5.83
CA SER B 181 22.56 1.09 -5.25
C SER B 181 22.94 2.13 -6.27
N THR B 182 22.74 3.40 -5.94
CA THR B 182 23.02 4.51 -6.83
C THR B 182 24.03 5.45 -6.22
N LEU B 183 25.15 5.61 -6.95
CA LEU B 183 26.22 6.52 -6.57
C LEU B 183 26.13 7.80 -7.42
N THR B 184 25.85 8.92 -6.77
CA THR B 184 25.70 10.18 -7.49
C THR B 184 26.90 11.09 -7.24
N LEU B 185 27.48 11.57 -8.33
CA LEU B 185 28.55 12.55 -8.26
C LEU B 185 28.13 13.73 -9.10
N THR B 186 28.83 14.85 -9.00
CA THR B 186 28.67 15.89 -10.01
C THR B 186 29.29 15.39 -11.31
N LYS B 187 28.92 16.02 -12.43
CA LYS B 187 29.48 15.68 -13.73
C LYS B 187 30.99 15.87 -13.75
N ASP B 188 31.46 16.97 -13.19
CA ASP B 188 32.90 17.21 -13.09
C ASP B 188 33.62 16.16 -12.24
N GLU B 189 33.02 15.70 -11.15
CA GLU B 189 33.65 14.68 -10.33
C GLU B 189 33.75 13.37 -11.12
N TYR B 190 32.62 12.99 -11.73
CA TYR B 190 32.54 11.79 -12.54
C TYR B 190 33.60 11.76 -13.64
N GLU B 191 33.80 12.91 -14.29
CA GLU B 191 34.74 13.00 -15.40
C GLU B 191 36.21 13.15 -15.00
N ARG B 192 36.49 13.20 -13.70
CA ARG B 192 37.87 13.23 -13.21
C ARG B 192 38.40 11.82 -12.91
N HIS B 193 37.55 10.82 -13.11
CA HIS B 193 37.89 9.45 -12.83
C HIS B 193 37.44 8.58 -13.98
N ASN B 194 37.96 7.36 -14.07
CA ASN B 194 37.68 6.49 -15.21
CA ASN B 194 37.72 6.49 -15.21
C ASN B 194 37.06 5.14 -14.87
N SER B 195 37.52 4.49 -13.81
CA SER B 195 36.98 3.20 -13.45
C SER B 195 35.91 3.29 -12.34
N TYR B 196 34.77 2.65 -12.59
CA TYR B 196 33.61 2.63 -11.69
C TYR B 196 33.17 1.19 -11.51
N THR B 197 33.02 0.78 -10.25
CA THR B 197 32.91 -0.63 -9.87
C THR B 197 31.97 -0.80 -8.68
N CYS B 198 31.01 -1.71 -8.76
CA CYS B 198 30.28 -2.09 -7.55
C CYS B 198 30.61 -3.54 -7.23
N GLU B 199 30.79 -3.80 -5.93
CA GLU B 199 31.11 -5.15 -5.47
C GLU B 199 30.04 -5.61 -4.49
N ALA B 200 29.40 -6.72 -4.80
CA ALA B 200 28.37 -7.27 -3.94
C ALA B 200 28.91 -8.45 -3.14
N THR B 201 28.70 -8.37 -1.82
CA THR B 201 29.14 -9.39 -0.86
C THR B 201 27.92 -10.04 -0.21
N HIS B 202 27.81 -11.35 -0.38
CA HIS B 202 26.63 -12.11 0.02
CA HIS B 202 26.63 -12.10 0.03
C HIS B 202 27.03 -13.45 0.61
N LYS B 203 26.27 -13.89 1.63
CA LYS B 203 26.44 -15.18 2.31
C LYS B 203 26.86 -16.32 1.35
N THR B 204 26.27 -16.34 0.15
CA THR B 204 26.39 -17.46 -0.79
C THR B 204 27.76 -17.63 -1.45
N SER B 205 28.65 -16.66 -1.22
CA SER B 205 29.99 -16.75 -1.75
C SER B 205 30.96 -15.97 -0.87
N THR B 206 32.13 -16.56 -0.63
CA THR B 206 33.20 -15.89 0.08
C THR B 206 33.81 -14.85 -0.87
N SER B 207 33.63 -15.09 -2.17
CA SER B 207 34.05 -14.17 -3.22
C SER B 207 32.97 -13.13 -3.55
N PRO B 208 33.30 -11.84 -3.38
CA PRO B 208 32.40 -10.77 -3.83
C PRO B 208 32.16 -10.84 -5.35
N ILE B 209 30.97 -10.43 -5.77
CA ILE B 209 30.67 -10.33 -7.20
C ILE B 209 30.99 -8.91 -7.64
N VAL B 210 31.87 -8.80 -8.64
CA VAL B 210 32.41 -7.51 -9.12
C VAL B 210 31.90 -7.18 -10.54
N LYS B 211 31.23 -6.02 -10.67
CA LYS B 211 30.90 -5.47 -11.98
C LYS B 211 31.50 -4.07 -12.12
N SER B 212 32.17 -3.87 -13.26
CA SER B 212 32.91 -2.65 -13.50
C SER B 212 32.74 -2.14 -14.94
N PHE B 213 32.94 -0.84 -15.13
CA PHE B 213 33.06 -0.27 -16.48
C PHE B 213 34.07 0.86 -16.42
N ASN B 214 34.59 1.23 -17.58
CA ASN B 214 35.45 2.37 -17.71
C ASN B 214 34.72 3.46 -18.48
N ARG B 215 34.86 4.69 -17.98
CA ARG B 215 34.21 5.83 -18.59
C ARG B 215 34.79 6.04 -19.99
N ASN B 216 33.92 6.28 -20.96
CA ASN B 216 34.35 6.48 -22.36
C ASN B 216 35.07 5.28 -22.98
N GLU B 217 34.75 4.08 -22.51
CA GLU B 217 35.25 2.88 -23.15
C GLU B 217 34.07 2.06 -23.61
N CYS B 218 34.08 1.78 -24.91
CA CYS B 218 33.09 0.93 -25.52
C CYS B 218 33.81 -0.22 -26.21
N HYP C 6 -47.39 -8.18 -19.64
CA HYP C 6 -46.55 -7.44 -18.68
C HYP C 6 -45.96 -8.36 -17.63
O HYP C 6 -46.45 -9.46 -17.41
CB HYP C 6 -47.40 -6.37 -18.02
CG HYP C 6 -48.82 -6.54 -18.55
CD HYP C 6 -48.76 -7.63 -19.62
OD1 HYP C 6 -49.26 -5.30 -19.11
N GLY C 7 -44.89 -7.89 -16.97
CA GLY C 7 -44.17 -8.73 -16.01
C GLY C 7 -44.30 -8.37 -14.54
N PRO C 8 -43.76 -9.23 -13.65
CA PRO C 8 -43.83 -9.03 -12.20
C PRO C 8 -42.82 -7.98 -11.70
N HYP C 9 -43.05 -7.40 -10.51
CA HYP C 9 -42.16 -6.39 -9.92
C HYP C 9 -40.80 -6.97 -9.63
O HYP C 9 -40.69 -8.16 -9.33
CB HYP C 9 -42.81 -5.88 -8.63
CG HYP C 9 -44.19 -6.51 -8.55
CD HYP C 9 -44.19 -7.63 -9.59
OD1 HYP C 9 -45.18 -5.55 -8.91
N GLY C 10 -39.76 -6.13 -9.73
CA GLY C 10 -38.37 -6.56 -9.53
C GLY C 10 -38.00 -7.08 -8.15
N PRO C 11 -36.76 -7.61 -8.01
CA PRO C 11 -36.28 -8.10 -6.71
C PRO C 11 -36.03 -6.97 -5.71
N HYP C 12 -35.95 -7.29 -4.41
CA HYP C 12 -35.63 -6.25 -3.42
C HYP C 12 -34.32 -5.58 -3.75
O HYP C 12 -33.46 -6.19 -4.37
CB HYP C 12 -35.55 -6.92 -2.06
CG HYP C 12 -36.28 -8.24 -2.20
CD HYP C 12 -36.27 -8.54 -3.69
OD1 HYP C 12 -37.62 -8.06 -1.76
N GLY C 13 -34.18 -4.32 -3.35
CA GLY C 13 -32.93 -3.61 -3.53
C GLY C 13 -31.82 -4.15 -2.65
N PRO C 14 -30.61 -3.56 -2.73
CA PRO C 14 -29.50 -3.98 -1.87
C PRO C 14 -29.85 -3.76 -0.40
N HYP C 15 -29.16 -4.46 0.52
CA HYP C 15 -29.31 -4.23 1.97
C HYP C 15 -28.81 -2.87 2.37
O HYP C 15 -27.89 -2.33 1.75
CB HYP C 15 -28.50 -5.30 2.68
CG HYP C 15 -28.24 -6.38 1.66
CD HYP C 15 -28.38 -5.70 0.31
OD1 HYP C 15 -29.25 -7.38 1.79
N GLY C 16 -29.42 -2.30 3.40
CA GLY C 16 -29.14 -0.93 3.79
C GLY C 16 -27.86 -0.76 4.59
N ALA C 17 -27.62 0.47 5.01
CA ALA C 17 -26.43 0.85 5.78
C ALA C 17 -26.45 0.28 7.18
N ARG C 18 -25.27 0.11 7.77
CA ARG C 18 -25.18 -0.24 9.19
C ARG C 18 -25.89 0.82 10.01
N GLY C 19 -26.51 0.39 11.11
CA GLY C 19 -27.14 1.30 12.04
C GLY C 19 -26.20 2.32 12.67
N LEU C 20 -26.81 3.31 13.31
CA LEU C 20 -26.09 4.30 14.08
C LEU C 20 -25.41 3.61 15.24
N THR C 21 -24.25 4.14 15.63
CA THR C 21 -23.53 3.70 16.82
C THR C 21 -24.35 4.03 18.06
N GLY C 22 -24.24 3.18 19.09
CA GLY C 22 -24.98 3.34 20.33
C GLY C 22 -24.47 4.49 21.18
N ARG C 23 -25.30 4.92 22.13
CA ARG C 23 -24.90 5.95 23.07
C ARG C 23 -23.76 5.42 23.96
N HYP C 24 -22.97 6.33 24.55
CA HYP C 24 -21.89 5.99 25.48
C HYP C 24 -22.41 5.34 26.73
O HYP C 24 -23.61 5.45 27.04
CB HYP C 24 -21.17 7.29 25.81
CG HYP C 24 -21.59 8.28 24.75
CD HYP C 24 -22.96 7.80 24.33
OD1 HYP C 24 -20.73 8.19 23.60
N GLY C 25 -21.52 4.66 27.45
CA GLY C 25 -21.88 4.07 28.73
C GLY C 25 -22.08 5.12 29.81
N ASP C 26 -22.70 4.71 30.91
CA ASP C 26 -22.84 5.58 32.07
C ASP C 26 -21.49 5.75 32.75
N ALA C 27 -20.89 6.93 32.57
CA ALA C 27 -19.58 7.25 33.14
C ALA C 27 -19.52 6.76 34.58
N GLY C 28 -18.60 5.83 34.84
CA GLY C 28 -18.49 5.14 36.12
C GLY C 28 -18.50 6.01 37.36
N PRO C 29 -19.02 5.47 38.49
CA PRO C 29 -19.10 6.14 39.79
C PRO C 29 -17.73 6.59 40.36
N HYP C 30 -17.72 7.59 41.25
CA HYP C 30 -16.49 8.04 41.93
C HYP C 30 -15.96 6.99 42.87
O HYP C 30 -16.71 6.09 43.29
CB HYP C 30 -16.79 9.32 42.69
CG HYP C 30 -18.27 9.63 42.49
CD HYP C 30 -18.83 8.49 41.64
OD1 HYP C 30 -18.41 10.88 41.80
N GLY C 31 -14.68 7.09 43.21
CA GLY C 31 -14.05 6.17 44.15
C GLY C 31 -14.23 6.58 45.60
N HYP D 6 -47.27 -12.29 -20.70
CA HYP D 6 -46.45 -11.72 -19.65
C HYP D 6 -45.07 -11.35 -20.13
O HYP D 6 -44.50 -12.03 -20.99
CB HYP D 6 -46.35 -12.72 -18.50
CG HYP D 6 -47.37 -13.80 -18.80
CD HYP D 6 -48.00 -13.45 -20.14
OD1 HYP D 6 -48.37 -13.79 -17.77
N GLY D 7 -44.52 -10.28 -19.56
CA GLY D 7 -43.20 -9.78 -19.92
C GLY D 7 -42.17 -9.96 -18.81
N PRO D 8 -41.05 -9.21 -18.90
CA PRO D 8 -39.93 -9.41 -17.96
C PRO D 8 -40.24 -8.94 -16.54
N HYP D 9 -39.45 -9.40 -15.54
CA HYP D 9 -39.55 -8.90 -14.17
C HYP D 9 -39.01 -7.50 -14.13
O HYP D 9 -38.17 -7.13 -14.94
CB HYP D 9 -38.75 -9.82 -13.26
CG HYP D 9 -38.41 -11.03 -14.11
CD HYP D 9 -38.51 -10.53 -15.54
OD1 HYP D 9 -39.39 -12.05 -13.88
N GLY D 10 -39.51 -6.71 -13.18
CA GLY D 10 -39.10 -5.31 -13.04
C GLY D 10 -37.66 -5.13 -12.62
N PRO D 11 -37.16 -3.88 -12.65
CA PRO D 11 -35.84 -3.54 -12.11
C PRO D 11 -35.75 -3.77 -10.59
N HYP D 12 -34.53 -3.83 -10.03
CA HYP D 12 -34.31 -4.05 -8.59
C HYP D 12 -34.70 -2.82 -7.82
O HYP D 12 -34.60 -1.71 -8.35
CB HYP D 12 -32.85 -4.37 -8.35
CG HYP D 12 -32.23 -4.52 -9.73
CD HYP D 12 -33.20 -3.83 -10.67
OD1 HYP D 12 -32.18 -5.91 -10.07
N GLY D 13 -35.13 -3.02 -6.57
CA GLY D 13 -35.64 -1.92 -5.76
C GLY D 13 -34.58 -0.95 -5.26
N PRO D 14 -34.99 0.07 -4.48
CA PRO D 14 -34.08 1.00 -3.85
C PRO D 14 -33.28 0.32 -2.72
N HYP D 15 -32.13 0.89 -2.33
CA HYP D 15 -31.32 0.36 -1.24
C HYP D 15 -32.08 0.54 0.05
O HYP D 15 -32.81 1.52 0.19
CB HYP D 15 -29.99 1.09 -1.21
CG HYP D 15 -29.93 1.89 -2.51
CD HYP D 15 -31.37 1.99 -2.98
OD1 HYP D 15 -29.18 1.17 -3.48
N GLY D 16 -31.92 -0.41 0.97
CA GLY D 16 -32.63 -0.38 2.25
C GLY D 16 -32.25 0.78 3.16
N ALA D 17 -32.97 0.89 4.28
CA ALA D 17 -32.70 1.92 5.29
C ALA D 17 -31.54 1.53 6.21
N ARG D 18 -31.08 2.49 7.02
CA ARG D 18 -30.09 2.23 8.06
C ARG D 18 -30.56 1.15 9.02
N GLY D 19 -29.62 0.30 9.43
CA GLY D 19 -29.90 -0.73 10.41
C GLY D 19 -30.31 -0.14 11.75
N LEU D 20 -30.59 -1.02 12.71
CA LEU D 20 -30.92 -0.61 14.06
C LEU D 20 -29.75 0.06 14.73
N THR D 21 -30.04 1.02 15.59
CA THR D 21 -29.03 1.67 16.41
C THR D 21 -28.38 0.64 17.35
N GLY D 22 -27.07 0.76 17.53
CA GLY D 22 -26.29 -0.16 18.36
C GLY D 22 -26.63 -0.15 19.83
N ARG D 23 -26.09 -1.13 20.55
CA ARG D 23 -26.27 -1.25 21.99
C ARG D 23 -25.62 -0.06 22.69
N HYP D 24 -26.20 0.41 23.82
CA HYP D 24 -25.54 1.41 24.67
C HYP D 24 -24.25 0.87 25.22
O HYP D 24 -24.15 -0.32 25.52
CB HYP D 24 -26.49 1.73 25.83
CG HYP D 24 -27.84 1.23 25.39
CD HYP D 24 -27.58 0.19 24.31
OD1 HYP D 24 -28.57 2.31 24.80
N GLY D 25 -23.24 1.73 25.34
CA GLY D 25 -21.96 1.32 25.90
C GLY D 25 -22.06 0.71 27.29
N ASP D 26 -21.05 -0.05 27.67
CA ASP D 26 -20.99 -0.62 29.00
C ASP D 26 -20.77 0.46 30.06
N ALA D 27 -21.34 0.25 31.24
CA ALA D 27 -21.15 1.15 32.36
C ALA D 27 -19.67 1.27 32.67
N GLY D 28 -19.22 2.50 32.91
CA GLY D 28 -17.81 2.75 33.21
C GLY D 28 -17.34 2.07 34.50
N PRO D 29 -16.03 1.83 34.61
CA PRO D 29 -15.48 1.30 35.87
C PRO D 29 -15.52 2.35 36.98
N HYP D 30 -15.52 1.93 38.25
CA HYP D 30 -15.40 2.86 39.38
C HYP D 30 -14.10 3.63 39.31
O HYP D 30 -13.09 3.10 38.82
CB HYP D 30 -15.45 2.07 40.68
CG HYP D 30 -15.95 0.69 40.30
CD HYP D 30 -15.83 0.58 38.79
OD1 HYP D 30 -17.31 0.57 40.70
N GLY D 31 -14.12 4.87 39.78
CA GLY D 31 -12.94 5.73 39.84
C GLY D 31 -12.03 5.43 41.02
N PRO D 32 -10.91 6.16 41.14
CA PRO D 32 -9.94 5.98 42.24
C PRO D 32 -10.50 6.43 43.59
N GLY E 4 -45.17 -8.16 -23.73
CA GLY E 4 -45.45 -7.56 -22.39
C GLY E 4 -44.32 -6.67 -21.87
N PRO E 5 -44.67 -5.49 -21.31
CA PRO E 5 -43.68 -4.58 -20.71
C PRO E 5 -43.29 -4.96 -19.28
N HYP E 6 -42.05 -4.66 -18.87
CA HYP E 6 -41.51 -4.96 -17.53
C HYP E 6 -42.40 -4.48 -16.40
O HYP E 6 -43.12 -3.50 -16.56
CB HYP E 6 -40.16 -4.28 -17.39
CG HYP E 6 -39.92 -3.50 -18.67
CD HYP E 6 -41.00 -3.96 -19.63
OD1 HYP E 6 -38.62 -3.81 -19.20
N GLY E 7 -42.34 -5.18 -15.27
CA GLY E 7 -43.01 -4.73 -14.05
C GLY E 7 -42.31 -3.55 -13.43
N PRO E 8 -42.88 -3.02 -12.32
CA PRO E 8 -42.27 -1.87 -11.62
C PRO E 8 -40.96 -2.24 -10.92
N HYP E 9 -40.17 -1.23 -10.51
CA HYP E 9 -39.04 -1.49 -9.63
C HYP E 9 -39.52 -2.24 -8.42
O HYP E 9 -40.66 -2.05 -7.98
CB HYP E 9 -38.42 -0.16 -9.23
CG HYP E 9 -38.89 0.84 -10.27
CD HYP E 9 -40.04 0.17 -11.01
OD1 HYP E 9 -37.83 1.14 -11.18
N GLY E 10 -38.66 -3.11 -7.89
CA GLY E 10 -38.97 -3.91 -6.72
C GLY E 10 -39.11 -3.11 -5.44
N PRO E 11 -39.29 -3.80 -4.31
CA PRO E 11 -39.38 -3.11 -3.02
C PRO E 11 -38.01 -2.62 -2.54
N HYP E 12 -37.99 -1.75 -1.51
CA HYP E 12 -36.72 -1.39 -0.86
C HYP E 12 -36.05 -2.61 -0.31
O HYP E 12 -36.72 -3.58 0.07
CB HYP E 12 -37.05 -0.40 0.24
CG HYP E 12 -38.34 0.24 -0.21
CD HYP E 12 -39.05 -0.83 -1.03
OD1 HYP E 12 -38.03 1.34 -1.07
N GLY E 13 -34.71 -2.59 -0.28
CA GLY E 13 -33.95 -3.67 0.30
C GLY E 13 -34.16 -3.76 1.80
N PRO E 14 -33.72 -4.86 2.42
CA PRO E 14 -33.80 -4.96 3.88
C PRO E 14 -32.91 -3.92 4.56
N HYP E 15 -33.22 -3.58 5.83
CA HYP E 15 -32.37 -2.68 6.59
C HYP E 15 -31.02 -3.30 6.81
O HYP E 15 -30.88 -4.52 6.82
CB HYP E 15 -33.07 -2.42 7.91
CG HYP E 15 -34.52 -2.80 7.69
CD HYP E 15 -34.46 -3.84 6.58
OD1 HYP E 15 -35.25 -1.65 7.23
N GLY E 16 -29.99 -2.47 6.96
CA GLY E 16 -28.64 -2.95 7.19
C GLY E 16 -28.44 -3.54 8.58
N ALA E 17 -27.19 -3.92 8.86
CA ALA E 17 -26.83 -4.51 10.15
C ALA E 17 -26.92 -3.52 11.31
N ARG E 18 -26.94 -4.07 12.51
CA ARG E 18 -27.04 -3.26 13.71
C ARG E 18 -25.78 -2.43 13.91
N GLY E 19 -25.96 -1.22 14.46
CA GLY E 19 -24.88 -0.30 14.76
C GLY E 19 -23.80 -0.81 15.70
N LEU E 20 -22.65 -0.15 15.68
CA LEU E 20 -21.59 -0.46 16.63
C LEU E 20 -22.10 -0.27 18.05
N THR E 21 -21.60 -1.08 18.98
CA THR E 21 -21.89 -0.86 20.38
C THR E 21 -21.19 0.44 20.81
N GLY E 22 -21.88 1.24 21.63
CA GLY E 22 -21.34 2.49 22.15
C GLY E 22 -20.09 2.30 22.99
N ARG E 23 -19.35 3.39 23.17
CA ARG E 23 -18.15 3.43 23.99
C ARG E 23 -18.50 3.17 25.44
N HYP E 24 -17.53 2.66 26.23
CA HYP E 24 -17.74 2.51 27.67
C HYP E 24 -17.67 3.85 28.33
O HYP E 24 -16.99 4.76 27.84
CB HYP E 24 -16.63 1.62 28.22
CG HYP E 24 -15.98 0.99 27.00
CD HYP E 24 -16.27 1.97 25.86
OD1 HYP E 24 -16.62 -0.26 26.75
N GLY E 25 -18.37 3.99 29.45
CA GLY E 25 -18.32 5.19 30.27
C GLY E 25 -16.92 5.42 30.84
N ASP E 26 -16.62 6.66 31.19
CA ASP E 26 -15.31 7.00 31.77
C ASP E 26 -15.17 6.35 33.14
N ALA E 27 -13.92 6.21 33.60
CA ALA E 27 -13.62 5.63 34.91
C ALA E 27 -14.01 6.58 36.06
CL CL F . -22.81 1.23 5.53
C1 GOL G . -2.24 14.92 15.54
O1 GOL G . -1.78 15.62 14.40
C2 GOL G . -2.94 13.64 15.11
O2 GOL G . -1.96 12.67 14.80
C3 GOL G . -3.85 13.14 16.24
O3 GOL G . -4.15 14.19 17.15
C1 GOL H . -1.28 12.84 -16.25
O1 GOL H . -0.46 13.94 -16.61
C2 GOL H . -1.34 12.63 -14.73
O2 GOL H . -1.66 13.83 -14.07
C3 GOL H . 0.00 12.11 -14.22
O3 GOL H . -0.21 11.18 -13.18
#